data_6TQU
#
_entry.id   6TQU
#
_cell.length_a   87.968
_cell.length_b   87.968
_cell.length_c   95.130
_cell.angle_alpha   90.000
_cell.angle_beta   90.000
_cell.angle_gamma   90.000
#
_symmetry.space_group_name_H-M   'P 41 21 2'
#
loop_
_entity.id
_entity.type
_entity.pdbx_description
1 polymer 'Motile sperm domain-containing protein 2'
2 polymer 'StAR-related lipid transfer protein 3'
3 non-polymer 'SULFATE ION'
4 water water
#
loop_
_entity_poly.entity_id
_entity_poly.type
_entity_poly.pdbx_seq_one_letter_code
_entity_poly.pdbx_strand_id
1 'polypeptide(L)'
;GSHMAFKKPLSVFKGPLLHISPAEELYFGSTESGEKKTLIVLTNVTKNIVAFKVRTTAPEKYRVKPSNSSCDPGASVDIV
VSPHGGLTVSAQDRFLIMAAEMEQSSGTGPAELTQFWKEVPRNKVMEHRLRCHTV
;
A,B
2 'polypeptide(L)' CLFSGAL(SEP)EGQFY(SEP)PPE(SEP)FAG C,D
#
# COMPACT_ATOMS: atom_id res chain seq x y z
N VAL A 12 -10.98 -1.57 0.36
CA VAL A 12 -11.84 -1.71 -0.81
C VAL A 12 -13.18 -0.95 -0.58
N PHE A 13 -13.08 0.37 -0.36
CA PHE A 13 -14.23 1.22 -0.11
C PHE A 13 -14.70 1.86 -1.41
N LYS A 14 -15.97 1.63 -1.77
CA LYS A 14 -16.57 2.17 -2.98
C LYS A 14 -17.41 3.38 -2.63
N GLY A 15 -16.95 4.57 -3.01
CA GLY A 15 -17.67 5.80 -2.75
C GLY A 15 -18.20 6.45 -4.01
N PRO A 16 -18.96 7.55 -3.88
CA PRO A 16 -19.49 8.19 -5.09
C PRO A 16 -18.40 8.73 -6.00
N LEU A 17 -17.33 9.29 -5.45
CA LEU A 17 -16.30 9.90 -6.29
C LEU A 17 -15.03 9.05 -6.39
N LEU A 18 -14.65 8.38 -5.31
CA LEU A 18 -13.39 7.66 -5.24
C LEU A 18 -13.61 6.28 -4.64
N HIS A 19 -12.92 5.30 -5.20
CA HIS A 19 -12.66 4.07 -4.47
C HIS A 19 -11.33 4.23 -3.73
N ILE A 20 -11.28 3.76 -2.49
CA ILE A 20 -10.14 3.99 -1.61
C ILE A 20 -9.68 2.66 -1.03
N SER A 21 -8.39 2.37 -1.15
CA SER A 21 -7.80 1.16 -0.61
C SER A 21 -6.64 1.57 0.29
N PRO A 22 -6.63 1.16 1.57
CA PRO A 22 -7.61 0.28 2.21
C PRO A 22 -8.89 1.03 2.57
N ALA A 23 -9.91 0.31 3.01
CA ALA A 23 -11.22 0.91 3.22
C ALA A 23 -11.40 1.52 4.61
N GLU A 24 -10.77 0.97 5.65
CA GLU A 24 -10.97 1.45 7.01
C GLU A 24 -9.68 1.66 7.77
N GLU A 25 -8.73 0.73 7.66
CA GLU A 25 -7.61 0.64 8.59
C GLU A 25 -6.31 0.63 7.82
N LEU A 26 -5.36 1.45 8.26
CA LEU A 26 -4.05 1.53 7.64
C LEU A 26 -3.05 0.68 8.40
N TYR A 27 -2.32 -0.17 7.69
CA TYR A 27 -1.22 -0.93 8.26
C TYR A 27 0.10 -0.30 7.81
N PHE A 28 0.98 -0.01 8.78
CA PHE A 28 2.31 0.53 8.54
C PHE A 28 3.34 -0.59 8.69
N GLY A 29 4.06 -0.87 7.62
CA GLY A 29 5.13 -1.85 7.70
C GLY A 29 6.51 -1.24 7.54
N SER A 30 7.53 -1.97 7.97
CA SER A 30 8.91 -1.53 7.80
C SER A 30 9.34 -1.67 6.35
N THR A 31 9.89 -0.59 5.79
CA THR A 31 10.50 -0.66 4.47
C THR A 31 11.90 -1.23 4.58
N GLU A 32 12.55 -1.43 3.43
CA GLU A 32 13.91 -1.93 3.44
C GLU A 32 14.90 -0.93 4.03
N SER A 33 14.48 0.29 4.34
CA SER A 33 15.33 1.27 4.99
C SER A 33 15.05 1.42 6.47
N GLY A 34 14.14 0.62 7.03
CA GLY A 34 13.80 0.71 8.43
C GLY A 34 12.64 1.63 8.75
N GLU A 35 12.18 2.43 7.79
CA GLU A 35 11.06 3.33 8.01
C GLU A 35 9.74 2.58 7.94
N LYS A 36 8.75 3.11 8.66
CA LYS A 36 7.39 2.59 8.62
C LYS A 36 6.59 3.38 7.60
N LYS A 37 6.01 2.69 6.62
CA LYS A 37 5.24 3.34 5.57
C LYS A 37 3.94 2.58 5.31
N THR A 38 2.90 3.32 4.94
CA THR A 38 1.66 2.72 4.48
C THR A 38 1.26 3.39 3.17
N LEU A 39 0.32 2.75 2.48
CA LEU A 39 -0.12 3.21 1.17
C LEU A 39 -1.64 3.37 1.15
N ILE A 40 -2.09 4.49 0.59
CA ILE A 40 -3.49 4.73 0.24
C ILE A 40 -3.58 4.84 -1.27
N VAL A 41 -4.54 4.15 -1.86
CA VAL A 41 -4.77 4.21 -3.31
C VAL A 41 -6.18 4.75 -3.54
N LEU A 42 -6.27 5.85 -4.26
CA LEU A 42 -7.53 6.49 -4.60
C LEU A 42 -7.78 6.26 -6.08
N THR A 43 -8.94 5.70 -6.40
CA THR A 43 -9.31 5.41 -7.78
C THR A 43 -10.52 6.24 -8.15
N ASN A 44 -10.36 7.09 -9.17
CA ASN A 44 -11.41 8.00 -9.61
C ASN A 44 -12.45 7.20 -10.38
N VAL A 45 -13.65 7.07 -9.80
CA VAL A 45 -14.73 6.30 -10.40
C VAL A 45 -15.73 7.18 -11.14
N THR A 46 -15.42 8.46 -11.37
CA THR A 46 -16.30 9.34 -12.12
C THR A 46 -15.72 9.61 -13.50
N LYS A 47 -16.31 10.58 -14.19
CA LYS A 47 -15.88 11.00 -15.51
C LYS A 47 -15.25 12.39 -15.49
N ASN A 48 -14.98 12.95 -14.33
CA ASN A 48 -14.34 14.24 -14.21
C ASN A 48 -13.07 14.12 -13.39
N ILE A 49 -12.20 15.12 -13.51
CA ILE A 49 -11.09 15.23 -12.58
C ILE A 49 -11.64 15.40 -11.18
N VAL A 50 -11.04 14.68 -10.23
CA VAL A 50 -11.42 14.78 -8.82
C VAL A 50 -10.22 15.31 -8.06
N ALA A 51 -10.36 16.50 -7.50
CA ALA A 51 -9.36 17.06 -6.61
C ALA A 51 -9.49 16.38 -5.26
N PHE A 52 -8.35 16.13 -4.61
CA PHE A 52 -8.38 15.50 -3.30
C PHE A 52 -7.37 16.13 -2.37
N LYS A 53 -7.72 16.16 -1.10
CA LYS A 53 -6.88 16.61 0.00
C LYS A 53 -6.78 15.49 1.02
N VAL A 54 -5.66 15.42 1.71
CA VAL A 54 -5.47 14.51 2.83
C VAL A 54 -5.21 15.36 4.07
N ARG A 55 -5.95 15.09 5.12
CA ARG A 55 -5.73 15.74 6.40
C ARG A 55 -5.53 14.66 7.45
N THR A 56 -4.91 15.04 8.56
CA THR A 56 -4.63 14.10 9.63
C THR A 56 -4.91 14.76 10.96
N THR A 57 -5.10 13.92 11.98
CA THR A 57 -5.24 14.40 13.35
C THR A 57 -3.90 14.74 13.98
N ALA A 58 -2.79 14.37 13.34
CA ALA A 58 -1.44 14.60 13.87
C ALA A 58 -0.61 15.28 12.79
N PRO A 59 -0.88 16.55 12.50
CA PRO A 59 -0.23 17.22 11.37
C PRO A 59 1.29 17.33 11.49
N GLU A 60 1.84 17.34 12.71
CA GLU A 60 3.28 17.41 12.87
C GLU A 60 3.97 16.06 12.68
N LYS A 61 3.23 14.99 12.47
CA LYS A 61 3.75 13.64 12.65
C LYS A 61 4.07 12.92 11.34
N TYR A 62 3.31 13.17 10.28
CA TYR A 62 3.32 12.29 9.11
C TYR A 62 3.76 13.02 7.86
N ARG A 63 4.61 12.37 7.09
CA ARG A 63 4.86 12.75 5.70
C ARG A 63 3.75 12.14 4.85
N VAL A 64 3.07 12.98 4.07
CA VAL A 64 1.93 12.56 3.24
C VAL A 64 2.21 13.02 1.83
N LYS A 65 2.59 12.07 0.97
CA LYS A 65 3.05 12.36 -0.39
C LYS A 65 2.15 11.68 -1.42
N PRO A 66 1.33 12.43 -2.17
CA PRO A 66 1.12 13.85 -1.96
C PRO A 66 -0.06 14.07 -1.01
N SER A 67 -0.37 15.31 -0.65
CA SER A 67 -1.47 15.59 0.28
C SER A 67 -2.54 16.49 -0.31
N ASN A 68 -2.34 17.01 -1.53
CA ASN A 68 -3.23 17.99 -2.13
C ASN A 68 -2.99 17.89 -3.63
N SER A 69 -3.83 17.14 -4.32
CA SER A 69 -3.57 16.83 -5.72
C SER A 69 -4.90 16.59 -6.43
N SER A 70 -4.84 15.88 -7.55
CA SER A 70 -6.04 15.57 -8.33
C SER A 70 -5.82 14.23 -9.03
N CYS A 71 -6.92 13.67 -9.53
CA CYS A 71 -6.90 12.34 -10.12
C CYS A 71 -7.79 12.32 -11.35
N ASP A 72 -7.23 11.92 -12.49
CA ASP A 72 -7.97 11.94 -13.74
C ASP A 72 -9.07 10.88 -13.72
N PRO A 73 -10.06 11.01 -14.61
CA PRO A 73 -11.13 10.00 -14.67
C PRO A 73 -10.59 8.60 -14.93
N GLY A 74 -11.04 7.66 -14.10
CA GLY A 74 -10.63 6.27 -14.25
C GLY A 74 -9.24 5.94 -13.79
N ALA A 75 -8.47 6.92 -13.33
CA ALA A 75 -7.09 6.69 -12.91
C ALA A 75 -7.01 6.43 -11.41
N SER A 76 -5.84 5.93 -10.98
CA SER A 76 -5.57 5.65 -9.58
C SER A 76 -4.32 6.41 -9.16
N VAL A 77 -4.32 6.96 -7.95
CA VAL A 77 -3.19 7.71 -7.45
C VAL A 77 -2.77 7.15 -6.09
N ASP A 78 -1.45 7.01 -5.90
CA ASP A 78 -0.88 6.50 -4.66
C ASP A 78 -0.57 7.64 -3.70
N ILE A 79 -0.91 7.44 -2.43
CA ILE A 79 -0.55 8.35 -1.36
C ILE A 79 0.27 7.55 -0.36
N VAL A 80 1.54 7.93 -0.21
CA VAL A 80 2.48 7.28 0.70
C VAL A 80 2.53 8.06 2.00
N VAL A 81 2.34 7.38 3.13
CA VAL A 81 2.26 8.01 4.43
C VAL A 81 3.26 7.36 5.38
N SER A 82 4.05 8.19 6.07
CA SER A 82 5.06 7.70 6.97
C SER A 82 5.31 8.69 8.10
N PRO A 83 5.44 8.23 9.34
CA PRO A 83 5.84 9.14 10.42
C PRO A 83 7.26 9.64 10.17
N HIS A 84 7.51 10.88 10.60
CA HIS A 84 8.86 11.39 10.60
C HIS A 84 9.72 10.56 11.56
N GLY A 85 11.01 10.49 11.26
CA GLY A 85 11.93 9.70 12.07
C GLY A 85 11.85 10.02 13.54
N GLY A 86 11.87 8.98 14.38
CA GLY A 86 11.75 9.14 15.80
C GLY A 86 10.33 9.05 16.33
N LEU A 87 9.34 9.18 15.46
CA LEU A 87 7.95 9.10 15.85
C LEU A 87 7.39 7.74 15.46
N THR A 88 6.38 7.29 16.20
CA THR A 88 5.75 6.00 15.95
C THR A 88 4.25 6.17 15.80
N VAL A 89 3.66 5.35 14.92
CA VAL A 89 2.22 5.36 14.70
C VAL A 89 1.50 5.08 16.02
N SER A 90 0.35 5.74 16.21
CA SER A 90 -0.47 5.50 17.39
C SER A 90 -1.91 5.23 16.97
N ALA A 91 -2.57 4.37 17.73
CA ALA A 91 -3.93 3.95 17.40
C ALA A 91 -4.90 5.12 17.38
N GLN A 92 -4.57 6.23 18.01
CA GLN A 92 -5.40 7.43 17.98
C GLN A 92 -5.29 8.18 16.66
N ASP A 93 -4.29 7.88 15.85
CA ASP A 93 -4.05 8.67 14.63
C ASP A 93 -5.07 8.30 13.56
N ARG A 94 -5.71 9.31 12.98
CA ARG A 94 -6.67 9.11 11.91
C ARG A 94 -6.28 9.94 10.70
N PHE A 95 -6.88 9.63 9.56
CA PHE A 95 -6.64 10.33 8.31
C PHE A 95 -7.96 10.63 7.63
N LEU A 96 -7.99 11.76 6.90
CA LEU A 96 -9.21 12.24 6.25
C LEU A 96 -8.92 12.48 4.77
N ILE A 97 -9.71 11.83 3.92
CA ILE A 97 -9.65 12.05 2.48
C ILE A 97 -10.82 12.94 2.09
N MET A 98 -10.52 14.12 1.53
CA MET A 98 -11.53 15.03 1.02
C MET A 98 -11.43 15.08 -0.49
N ALA A 99 -12.57 15.06 -1.17
CA ALA A 99 -12.54 14.96 -2.63
C ALA A 99 -13.75 15.65 -3.22
N ALA A 100 -13.56 16.24 -4.40
CA ALA A 100 -14.65 16.90 -5.09
C ALA A 100 -14.34 16.93 -6.58
N GLU A 101 -15.39 16.85 -7.39
CA GLU A 101 -15.23 16.88 -8.83
C GLU A 101 -14.92 18.29 -9.30
N MET A 102 -14.03 18.40 -10.29
CA MET A 102 -13.70 19.68 -10.90
C MET A 102 -14.37 19.81 -12.26
N GLU A 103 -14.33 21.03 -12.79
N GLU A 103 -14.41 21.04 -12.76
CA GLU A 103 -14.74 21.25 -14.17
CA GLU A 103 -14.86 21.28 -14.12
C GLU A 103 -13.78 20.55 -15.13
C GLU A 103 -13.90 20.66 -15.11
N GLN A 104 -14.29 20.24 -16.33
N GLN A 104 -14.43 20.29 -16.27
CA GLN A 104 -13.49 19.56 -17.33
CA GLN A 104 -13.56 20.07 -17.41
C GLN A 104 -12.30 20.40 -17.77
C GLN A 104 -12.85 21.38 -17.76
N SER A 105 -12.44 21.73 -17.76
N SER A 105 -11.68 21.25 -18.36
CA SER A 105 -11.42 22.63 -18.27
CA SER A 105 -10.80 22.37 -18.76
C SER A 105 -10.38 23.03 -17.23
C SER A 105 -9.99 22.90 -17.57
N SER A 106 -10.71 22.95 -15.95
N SER A 106 -10.51 22.76 -16.36
CA SER A 106 -9.88 23.53 -14.92
CA SER A 106 -9.84 23.35 -15.20
C SER A 106 -8.49 22.91 -14.90
C SER A 106 -8.44 22.79 -15.02
N GLY A 107 -7.50 23.73 -14.51
N GLY A 107 -7.52 23.64 -14.57
CA GLY A 107 -6.15 23.24 -14.32
CA GLY A 107 -6.15 23.23 -14.34
C GLY A 107 -5.96 22.58 -12.97
C GLY A 107 -5.97 22.56 -12.98
N THR A 108 -4.79 21.97 -12.80
CA THR A 108 -4.51 21.17 -11.60
C THR A 108 -3.21 21.56 -10.90
N GLY A 109 -2.69 22.76 -11.15
CA GLY A 109 -1.54 23.23 -10.40
C GLY A 109 -1.90 23.55 -8.96
N PRO A 110 -0.88 23.86 -8.14
CA PRO A 110 -1.18 24.25 -6.75
C PRO A 110 -2.11 25.45 -6.64
N ALA A 111 -1.98 26.45 -7.51
CA ALA A 111 -2.81 27.62 -7.42
C ALA A 111 -4.25 27.32 -7.85
N GLU A 112 -4.42 26.52 -8.90
CA GLU A 112 -5.77 26.14 -9.32
C GLU A 112 -6.45 25.28 -8.25
N LEU A 113 -5.71 24.34 -7.66
CA LEU A 113 -6.31 23.51 -6.62
C LEU A 113 -6.72 24.34 -5.42
N THR A 114 -5.87 25.29 -5.02
CA THR A 114 -6.16 26.11 -3.85
C THR A 114 -7.40 26.97 -4.07
N GLN A 115 -7.53 27.52 -5.28
CA GLN A 115 -8.72 28.29 -5.62
C GLN A 115 -9.95 27.40 -5.66
N PHE A 116 -9.80 26.16 -6.09
CA PHE A 116 -10.93 25.25 -6.14
C PHE A 116 -11.50 25.00 -4.75
N TRP A 117 -10.62 24.73 -3.79
CA TRP A 117 -11.09 24.40 -2.46
C TRP A 117 -11.71 25.60 -1.74
N LYS A 118 -11.47 26.82 -2.24
CA LYS A 118 -12.15 27.98 -1.68
C LYS A 118 -13.57 28.12 -2.21
N GLU A 119 -13.81 27.72 -3.46
CA GLU A 119 -15.08 27.95 -4.10
C GLU A 119 -16.02 26.75 -4.04
N VAL A 120 -15.51 25.55 -3.89
CA VAL A 120 -16.36 24.35 -3.91
C VAL A 120 -17.32 24.40 -2.73
N PRO A 121 -18.62 24.18 -2.94
CA PRO A 121 -19.56 24.17 -1.82
C PRO A 121 -19.33 22.97 -0.92
N ARG A 122 -19.62 23.16 0.37
CA ARG A 122 -19.34 22.10 1.34
C ARG A 122 -20.08 20.81 1.01
N ASN A 123 -21.36 20.92 0.64
CA ASN A 123 -22.15 19.73 0.33
CA ASN A 123 -22.20 19.78 0.28
C ASN A 123 -21.73 19.04 -0.97
N LYS A 124 -20.62 19.43 -1.58
CA LYS A 124 -20.09 18.75 -2.74
C LYS A 124 -18.80 18.01 -2.43
N VAL A 125 -18.30 18.11 -1.20
CA VAL A 125 -17.00 17.57 -0.82
C VAL A 125 -17.21 16.23 -0.12
N MET A 126 -16.89 15.14 -0.81
CA MET A 126 -16.85 13.83 -0.17
C MET A 126 -15.74 13.78 0.87
N GLU A 127 -16.01 13.08 1.98
CA GLU A 127 -14.99 12.82 3.00
C GLU A 127 -14.99 11.35 3.36
N HIS A 128 -13.79 10.77 3.46
CA HIS A 128 -13.61 9.39 3.89
C HIS A 128 -12.54 9.34 4.97
N ARG A 129 -12.85 8.68 6.08
CA ARG A 129 -11.98 8.61 7.25
C ARG A 129 -11.26 7.26 7.30
N LEU A 130 -10.01 7.29 7.75
CA LEU A 130 -9.18 6.10 7.91
C LEU A 130 -8.50 6.14 9.26
N ARG A 131 -8.43 4.99 9.93
CA ARG A 131 -7.69 4.90 11.18
C ARG A 131 -6.43 4.06 10.97
N CYS A 132 -5.57 4.08 11.98
CA CYS A 132 -4.29 3.39 11.92
C CYS A 132 -4.32 2.15 12.79
N HIS A 133 -3.79 1.06 12.26
CA HIS A 133 -3.60 -0.16 13.03
C HIS A 133 -2.29 -0.11 13.78
N THR A 134 -2.28 -0.64 15.00
CA THR A 134 -1.09 -0.68 15.82
C THR A 134 -0.93 -2.06 16.46
N VAL A 135 -1.88 -2.43 17.31
CA VAL A 135 -1.86 -3.71 17.99
C VAL A 135 -3.27 -4.31 17.94
N PHE B 13 -6.71 -10.05 5.88
CA PHE B 13 -6.65 -11.51 5.69
C PHE B 13 -6.01 -12.19 6.89
N LYS B 14 -6.73 -12.20 8.01
CA LYS B 14 -6.24 -12.81 9.24
C LYS B 14 -6.06 -14.32 9.07
N GLY B 15 -4.81 -14.75 8.89
CA GLY B 15 -4.49 -16.16 8.80
C GLY B 15 -3.68 -16.62 10.00
N PRO B 16 -3.53 -17.93 10.17
CA PRO B 16 -2.81 -18.43 11.36
C PRO B 16 -1.38 -17.93 11.47
N LEU B 17 -0.71 -17.64 10.36
CA LEU B 17 0.68 -17.20 10.40
C LEU B 17 0.85 -15.69 10.19
N LEU B 18 0.14 -15.10 9.23
CA LEU B 18 0.28 -13.69 8.92
C LEU B 18 -1.09 -13.07 8.66
N HIS B 19 -1.27 -11.83 9.12
CA HIS B 19 -2.31 -10.97 8.59
C HIS B 19 -1.72 -10.21 7.40
N ILE B 20 -2.50 -10.10 6.34
CA ILE B 20 -2.03 -9.54 5.07
C ILE B 20 -2.96 -8.42 4.67
N SER B 21 -2.39 -7.25 4.42
CA SER B 21 -3.13 -6.12 3.88
C SER B 21 -2.59 -5.80 2.49
N PRO B 22 -3.43 -5.79 1.43
CA PRO B 22 -4.86 -6.10 1.49
C PRO B 22 -5.13 -7.60 1.56
N ALA B 23 -6.40 -7.97 1.71
CA ALA B 23 -6.76 -9.37 1.90
C ALA B 23 -6.78 -10.16 0.58
N GLU B 24 -7.21 -9.55 -0.51
CA GLU B 24 -7.45 -10.32 -1.73
C GLU B 24 -6.99 -9.62 -3.01
N GLU B 25 -7.22 -8.33 -3.13
CA GLU B 25 -7.04 -7.61 -4.38
C GLU B 25 -6.05 -6.45 -4.20
N LEU B 26 -5.07 -6.38 -5.10
CA LEU B 26 -4.09 -5.30 -5.09
C LEU B 26 -4.55 -4.18 -6.03
N TYR B 27 -4.58 -2.96 -5.50
CA TYR B 27 -4.83 -1.77 -6.31
C TYR B 27 -3.50 -1.07 -6.55
N PHE B 28 -3.26 -0.69 -7.81
CA PHE B 28 -2.04 -0.02 -8.23
C PHE B 28 -2.36 1.43 -8.56
N GLY B 29 -1.62 2.36 -7.97
CA GLY B 29 -1.78 3.77 -8.30
C GLY B 29 -0.49 4.39 -8.76
N SER B 30 -0.58 5.56 -9.38
CA SER B 30 0.61 6.28 -9.84
C SER B 30 1.25 7.00 -8.66
N THR B 31 2.57 6.86 -8.54
CA THR B 31 3.32 7.64 -7.56
C THR B 31 3.58 9.03 -8.13
N GLU B 32 4.24 9.87 -7.32
CA GLU B 32 4.56 11.22 -7.76
C GLU B 32 5.50 11.24 -8.97
N SER B 33 6.19 10.13 -9.24
CA SER B 33 7.09 10.03 -10.38
C SER B 33 6.44 9.39 -11.61
N GLY B 34 5.16 9.02 -11.53
CA GLY B 34 4.42 8.46 -12.65
C GLY B 34 4.34 6.94 -12.66
N GLU B 35 5.25 6.27 -11.95
CA GLU B 35 5.30 4.81 -11.95
C GLU B 35 4.21 4.25 -11.04
N LYS B 36 3.63 3.12 -11.46
CA LYS B 36 2.54 2.48 -10.72
C LYS B 36 3.10 1.48 -9.72
N LYS B 37 2.71 1.64 -8.45
CA LYS B 37 3.15 0.74 -7.39
C LYS B 37 1.96 0.36 -6.51
N THR B 38 2.04 -0.81 -5.91
CA THR B 38 1.13 -1.15 -4.82
C THR B 38 1.96 -1.61 -3.63
N LEU B 39 1.27 -1.80 -2.51
CA LEU B 39 1.92 -2.15 -1.25
C LEU B 39 1.23 -3.36 -0.65
N ILE B 40 2.03 -4.33 -0.21
CA ILE B 40 1.58 -5.45 0.62
C ILE B 40 2.19 -5.28 2.00
N VAL B 41 1.36 -5.33 3.04
CA VAL B 41 1.83 -5.32 4.42
C VAL B 41 1.63 -6.70 5.00
N LEU B 42 2.70 -7.28 5.55
CA LEU B 42 2.65 -8.55 6.23
C LEU B 42 2.85 -8.32 7.72
N THR B 43 1.86 -8.73 8.51
CA THR B 43 1.93 -8.60 9.96
C THR B 43 2.07 -10.00 10.54
N ASN B 44 3.22 -10.26 11.18
CA ASN B 44 3.43 -11.52 11.89
C ASN B 44 2.54 -11.54 13.13
N VAL B 45 1.59 -12.47 13.16
CA VAL B 45 0.66 -12.59 14.27
C VAL B 45 0.97 -13.82 15.12
N THR B 46 2.20 -14.32 15.07
CA THR B 46 2.63 -15.47 15.86
C THR B 46 3.75 -15.04 16.81
N LYS B 47 4.31 -16.02 17.52
CA LYS B 47 5.34 -15.78 18.53
C LYS B 47 6.75 -16.10 18.05
N ASN B 48 6.90 -16.56 16.82
CA ASN B 48 8.20 -16.88 16.27
C ASN B 48 8.49 -16.01 15.06
N ILE B 49 9.76 -16.00 14.65
CA ILE B 49 10.11 -15.40 13.37
C ILE B 49 9.40 -16.17 12.27
N VAL B 50 8.87 -15.45 11.29
CA VAL B 50 8.17 -16.02 10.15
C VAL B 50 8.96 -15.66 8.90
N ALA B 51 9.52 -16.67 8.24
CA ALA B 51 10.13 -16.46 6.94
C ALA B 51 9.05 -16.40 5.87
N PHE B 52 9.29 -15.61 4.83
CA PHE B 52 8.31 -15.50 3.77
C PHE B 52 9.00 -15.32 2.42
N LYS B 53 8.31 -15.81 1.39
CA LYS B 53 8.68 -15.65 -0.01
C LYS B 53 7.49 -15.07 -0.76
N VAL B 54 7.76 -14.31 -1.80
CA VAL B 54 6.72 -13.78 -2.67
C VAL B 54 6.98 -14.32 -4.06
N ARG B 55 6.00 -15.04 -4.61
CA ARG B 55 6.06 -15.51 -5.98
C ARG B 55 4.89 -14.92 -6.74
N THR B 56 4.99 -14.97 -8.07
CA THR B 56 4.00 -14.37 -8.93
C THR B 56 3.84 -15.21 -10.19
N THR B 57 2.72 -15.00 -10.87
CA THR B 57 2.53 -15.62 -12.16
C THR B 57 3.29 -14.91 -13.26
N ALA B 58 3.71 -13.66 -13.05
CA ALA B 58 4.41 -12.87 -14.06
C ALA B 58 5.75 -12.40 -13.51
N PRO B 59 6.70 -13.32 -13.31
CA PRO B 59 8.01 -12.92 -12.78
C PRO B 59 8.72 -11.91 -13.65
N GLU B 60 8.50 -11.95 -14.95
CA GLU B 60 9.14 -11.01 -15.86
C GLU B 60 8.56 -9.61 -15.78
N LYS B 61 7.37 -9.44 -15.20
CA LYS B 61 6.68 -8.15 -15.23
C LYS B 61 6.89 -7.29 -14.00
N TYR B 62 7.30 -7.86 -12.86
CA TYR B 62 7.20 -7.12 -11.61
C TYR B 62 8.51 -7.07 -10.83
N ARG B 63 8.70 -5.93 -10.19
CA ARG B 63 9.69 -5.76 -9.13
CA ARG B 63 9.69 -5.76 -9.13
C ARG B 63 8.98 -5.96 -7.79
N VAL B 64 9.52 -6.85 -6.97
CA VAL B 64 8.93 -7.22 -5.69
C VAL B 64 10.02 -7.14 -4.62
N LYS B 65 9.94 -6.14 -3.74
CA LYS B 65 11.02 -5.81 -2.83
C LYS B 65 10.49 -5.61 -1.42
N PRO B 66 10.86 -6.46 -0.45
CA PRO B 66 11.64 -7.68 -0.71
C PRO B 66 10.74 -8.82 -1.17
N SER B 67 11.33 -9.90 -1.67
CA SER B 67 10.59 -11.07 -2.10
C SER B 67 10.95 -12.31 -1.30
N ASN B 68 11.90 -12.21 -0.37
CA ASN B 68 12.43 -13.41 0.28
C ASN B 68 13.12 -12.93 1.57
N SER B 69 12.33 -12.87 2.64
CA SER B 69 12.83 -12.28 3.87
C SER B 69 12.15 -12.95 5.05
N SER B 70 12.10 -12.24 6.18
CA SER B 70 11.53 -12.77 7.41
C SER B 70 10.91 -11.63 8.18
N CYS B 71 10.04 -11.97 9.12
CA CYS B 71 9.31 -10.98 9.91
C CYS B 71 9.32 -11.41 11.36
N ASP B 72 9.81 -10.53 12.22
CA ASP B 72 9.88 -10.81 13.65
C ASP B 72 8.48 -10.91 14.25
N PRO B 73 8.36 -11.50 15.44
CA PRO B 73 7.04 -11.59 16.09
C PRO B 73 6.46 -10.20 16.34
N GLY B 74 5.23 -10.00 15.87
CA GLY B 74 4.52 -8.76 16.05
C GLY B 74 4.83 -7.68 15.02
N ALA B 75 6.02 -7.73 14.42
CA ALA B 75 6.42 -6.67 13.49
C ALA B 75 5.62 -6.76 12.19
N SER B 76 5.66 -5.67 11.43
CA SER B 76 5.06 -5.61 10.10
C SER B 76 6.15 -5.26 9.09
N VAL B 77 5.94 -5.72 7.86
CA VAL B 77 6.92 -5.58 6.79
C VAL B 77 6.21 -5.17 5.51
N ASP B 78 6.72 -4.13 4.87
CA ASP B 78 6.18 -3.64 3.62
C ASP B 78 6.80 -4.38 2.45
N ILE B 79 5.97 -4.74 1.49
CA ILE B 79 6.42 -5.33 0.24
C ILE B 79 5.92 -4.42 -0.87
N VAL B 80 6.85 -3.76 -1.56
CA VAL B 80 6.52 -2.86 -2.66
C VAL B 80 6.55 -3.64 -3.96
N VAL B 81 5.46 -3.57 -4.71
CA VAL B 81 5.31 -4.28 -5.97
C VAL B 81 5.08 -3.25 -7.07
N SER B 82 5.78 -3.40 -8.20
CA SER B 82 5.63 -2.42 -9.27
C SER B 82 5.93 -3.06 -10.61
N PRO B 83 5.02 -2.96 -11.57
CA PRO B 83 5.31 -3.47 -12.92
C PRO B 83 6.43 -2.67 -13.56
N HIS B 84 7.22 -3.34 -14.39
CA HIS B 84 8.31 -2.64 -15.06
C HIS B 84 7.76 -1.59 -16.01
N GLY B 85 8.56 -0.55 -16.24
CA GLY B 85 8.22 0.50 -17.18
C GLY B 85 7.74 -0.06 -18.50
N GLY B 86 6.67 0.53 -19.05
CA GLY B 86 6.12 0.07 -20.29
C GLY B 86 5.17 -1.11 -20.18
N LEU B 87 4.97 -1.66 -19.00
CA LEU B 87 4.03 -2.75 -18.81
C LEU B 87 2.80 -2.26 -18.06
N THR B 88 1.73 -3.02 -18.18
CA THR B 88 0.49 -2.71 -17.52
C THR B 88 0.01 -3.90 -16.71
N VAL B 89 -0.66 -3.61 -15.60
CA VAL B 89 -1.22 -4.65 -14.75
C VAL B 89 -2.38 -5.32 -15.47
N SER B 90 -2.34 -6.66 -15.56
CA SER B 90 -3.36 -7.44 -16.24
C SER B 90 -3.97 -8.46 -15.29
N ALA B 91 -5.16 -8.95 -15.68
CA ALA B 91 -5.90 -9.88 -14.83
C ALA B 91 -5.11 -11.16 -14.52
N GLN B 92 -4.25 -11.60 -15.45
CA GLN B 92 -3.49 -12.82 -15.25
C GLN B 92 -2.34 -12.66 -14.26
N ASP B 93 -2.06 -11.45 -13.80
CA ASP B 93 -0.99 -11.21 -12.84
C ASP B 93 -1.50 -11.54 -11.42
N ARG B 94 -0.93 -12.55 -10.80
CA ARG B 94 -1.31 -12.97 -9.46
C ARG B 94 -0.06 -13.09 -8.60
N PHE B 95 -0.26 -13.01 -7.28
CA PHE B 95 0.85 -13.07 -6.34
C PHE B 95 0.59 -14.11 -5.26
N LEU B 96 1.64 -14.79 -4.86
CA LEU B 96 1.58 -15.82 -3.84
C LEU B 96 2.47 -15.43 -2.68
N ILE B 97 1.93 -15.49 -1.47
CA ILE B 97 2.68 -15.26 -0.24
C ILE B 97 2.86 -16.62 0.43
N MET B 98 4.10 -17.10 0.46
CA MET B 98 4.46 -18.29 1.20
C MET B 98 5.07 -17.87 2.53
N ALA B 99 4.62 -18.47 3.61
CA ALA B 99 5.09 -18.12 4.95
C ALA B 99 5.26 -19.39 5.77
N ALA B 100 6.39 -19.49 6.47
CA ALA B 100 6.63 -20.62 7.36
C ALA B 100 7.21 -20.11 8.67
N GLU B 101 6.80 -20.73 9.76
CA GLU B 101 7.28 -20.38 11.09
C GLU B 101 8.67 -20.96 11.30
N MET B 102 9.57 -20.16 11.86
CA MET B 102 10.92 -20.58 12.18
C MET B 102 11.08 -20.86 13.67
N GLU B 103 12.22 -21.46 14.02
N GLU B 103 12.21 -21.46 14.02
CA GLU B 103 12.59 -21.63 15.41
CA GLU B 103 12.53 -21.78 15.41
C GLU B 103 13.39 -20.42 15.87
C GLU B 103 13.53 -20.78 15.96
N GLN B 104 13.79 -20.42 17.15
N GLN B 104 13.66 -20.77 17.28
CA GLN B 104 14.52 -19.29 17.70
CA GLN B 104 14.57 -19.86 17.98
C GLN B 104 16.00 -19.34 17.36
C GLN B 104 15.96 -20.48 18.03
N SER B 105 16.56 -20.54 17.16
N SER B 105 16.68 -20.32 16.92
CA SER B 105 17.99 -20.71 16.94
CA SER B 105 18.06 -20.79 16.76
C SER B 105 18.42 -20.31 15.53
C SER B 105 18.58 -20.38 15.39
N SER B 106 17.52 -20.29 14.55
N SER B 106 17.69 -20.36 14.40
CA SER B 106 17.90 -20.02 13.18
CA SER B 106 18.09 -20.07 13.03
C SER B 106 18.05 -18.53 12.94
C SER B 106 18.19 -18.57 12.79
N GLY B 107 18.97 -18.19 12.03
N GLY B 107 19.14 -18.20 11.93
CA GLY B 107 19.21 -16.80 11.66
CA GLY B 107 19.34 -16.81 11.57
C GLY B 107 18.38 -16.36 10.47
C GLY B 107 18.45 -16.37 10.42
N THR B 108 18.40 -15.05 10.21
CA THR B 108 17.64 -14.46 9.14
C THR B 108 18.49 -14.15 7.91
N GLY B 109 19.72 -14.64 7.87
CA GLY B 109 20.57 -14.42 6.73
C GLY B 109 20.05 -15.14 5.49
N PRO B 110 20.41 -14.64 4.31
CA PRO B 110 19.94 -15.29 3.07
C PRO B 110 20.37 -16.74 2.95
N ALA B 111 21.58 -17.06 3.44
CA ALA B 111 21.99 -18.45 3.46
C ALA B 111 21.12 -19.27 4.40
N GLU B 112 20.91 -18.78 5.63
CA GLU B 112 20.06 -19.49 6.58
C GLU B 112 18.64 -19.60 6.05
N LEU B 113 18.15 -18.57 5.35
CA LEU B 113 16.80 -18.61 4.82
C LEU B 113 16.69 -19.62 3.69
N THR B 114 17.68 -19.68 2.80
CA THR B 114 17.65 -20.67 1.73
C THR B 114 17.64 -22.08 2.30
N GLN B 115 18.52 -22.35 3.27
CA GLN B 115 18.55 -23.65 3.91
C GLN B 115 17.21 -23.96 4.58
N PHE B 116 16.58 -22.95 5.18
CA PHE B 116 15.30 -23.15 5.84
C PHE B 116 14.25 -23.64 4.86
N TRP B 117 14.09 -22.95 3.74
CA TRP B 117 13.08 -23.35 2.76
C TRP B 117 13.39 -24.70 2.13
N LYS B 118 14.66 -25.10 2.10
CA LYS B 118 14.97 -26.45 1.63
C LYS B 118 14.52 -27.53 2.61
N GLU B 119 14.16 -27.16 3.84
CA GLU B 119 13.87 -28.14 4.88
C GLU B 119 12.47 -28.07 5.47
N VAL B 120 11.72 -27.01 5.20
CA VAL B 120 10.42 -26.86 5.87
C VAL B 120 9.42 -27.83 5.24
N PRO B 121 8.58 -28.50 6.03
CA PRO B 121 7.56 -29.37 5.44
C PRO B 121 6.50 -28.57 4.68
N ARG B 122 5.95 -29.19 3.64
CA ARG B 122 4.93 -28.54 2.83
C ARG B 122 3.67 -28.25 3.65
N ASN B 123 3.32 -29.14 4.59
CA ASN B 123 2.15 -28.94 5.40
C ASN B 123 2.34 -27.89 6.49
N LYS B 124 3.56 -27.36 6.64
CA LYS B 124 3.85 -26.30 7.59
C LYS B 124 3.99 -24.94 6.92
N VAL B 125 3.65 -24.82 5.64
CA VAL B 125 3.84 -23.61 4.86
C VAL B 125 2.48 -22.97 4.58
N MET B 126 2.25 -21.79 5.13
CA MET B 126 1.06 -21.03 4.78
C MET B 126 1.19 -20.46 3.37
N GLU B 127 0.06 -20.41 2.67
CA GLU B 127 0.02 -19.82 1.34
C GLU B 127 -1.20 -18.91 1.22
N HIS B 128 -0.99 -17.72 0.67
CA HIS B 128 -2.08 -16.79 0.41
C HIS B 128 -1.89 -16.19 -0.97
N ARG B 129 -2.96 -16.21 -1.76
CA ARG B 129 -2.94 -15.71 -3.13
C ARG B 129 -3.57 -14.32 -3.21
N LEU B 130 -3.02 -13.49 -4.08
CA LEU B 130 -3.47 -12.11 -4.25
C LEU B 130 -3.68 -11.83 -5.73
N ARG B 131 -4.79 -11.22 -6.08
CA ARG B 131 -5.06 -10.79 -7.43
C ARG B 131 -4.88 -9.28 -7.54
N CYS B 132 -4.81 -8.82 -8.79
CA CYS B 132 -4.64 -7.41 -9.10
C CYS B 132 -5.93 -6.84 -9.67
N HIS B 133 -6.27 -5.63 -9.25
CA HIS B 133 -7.41 -4.91 -9.79
C HIS B 133 -7.03 -4.33 -11.14
N THR B 134 -7.71 -4.76 -12.19
CA THR B 134 -7.62 -4.15 -13.50
C THR B 134 -8.84 -3.32 -13.82
N VAL B 135 -10.01 -3.80 -13.42
CA VAL B 135 -11.25 -3.05 -13.48
C VAL B 135 -12.27 -3.74 -12.59
N GLN C 11 -10.47 18.98 14.15
CA GLN C 11 -9.76 17.77 14.58
C GLN C 11 -8.81 17.26 13.48
N PHE C 12 -9.07 17.61 12.23
CA PHE C 12 -8.24 17.17 11.10
C PHE C 12 -7.48 18.34 10.50
N TYR C 13 -6.17 18.18 10.33
CA TYR C 13 -5.34 19.27 9.86
C TYR C 13 -4.55 18.89 8.63
N PRO C 15 -1.34 18.40 6.57
CA PRO C 15 0.09 18.21 6.76
C PRO C 15 0.87 19.25 5.97
N PRO C 16 2.19 19.33 6.17
CA PRO C 16 3.01 20.17 5.28
C PRO C 16 2.70 19.94 3.82
N GLU C 17 2.28 21.00 3.13
CA GLU C 17 1.75 20.90 1.76
C GLU C 17 2.70 20.20 0.80
N PHE C 19 2.37 19.03 -3.37
CA PHE C 19 1.62 18.91 -4.62
C PHE C 19 2.38 18.03 -5.61
N ALA C 20 1.79 17.83 -6.79
CA ALA C 20 2.44 17.10 -7.87
C ALA C 20 3.44 17.99 -8.59
N GLU D 9 5.67 -27.36 -11.46
CA GLU D 9 6.65 -26.28 -11.45
C GLU D 9 6.38 -25.31 -12.59
N GLY D 10 5.11 -24.91 -12.74
CA GLY D 10 4.72 -24.10 -13.88
C GLY D 10 3.53 -23.18 -13.66
N GLN D 11 3.66 -22.20 -12.77
CA GLN D 11 2.61 -21.22 -12.54
C GLN D 11 3.12 -20.03 -11.73
N PHE D 12 3.43 -20.22 -10.45
CA PHE D 12 3.94 -19.17 -9.59
C PHE D 12 5.47 -19.23 -9.52
N TYR D 13 6.11 -18.08 -9.71
CA TYR D 13 7.55 -18.04 -9.82
C TYR D 13 8.15 -16.97 -8.94
N PRO D 15 10.52 -13.87 -8.22
CA PRO D 15 11.13 -12.81 -9.02
C PRO D 15 12.60 -13.10 -9.30
N PRO D 16 13.00 -12.91 -10.55
CA PRO D 16 14.39 -13.24 -10.92
C PRO D 16 15.38 -12.42 -10.12
N GLU D 17 16.56 -13.01 -9.92
CA GLU D 17 17.65 -12.31 -9.24
C GLU D 17 17.99 -11.06 -10.03
N PHE D 19 20.55 -8.49 -9.86
CA PHE D 19 21.86 -8.10 -10.32
C PHE D 19 22.92 -9.14 -9.98
#